data_1QN8
#
_entry.id   1QN8
#
_cell.length_a   41.800
_cell.length_b   146.700
_cell.length_c   57.400
_cell.angle_alpha   90.00
_cell.angle_beta   90.50
_cell.angle_gamma   90.00
#
_symmetry.space_group_name_H-M   'P 1 21 1'
#
loop_
_entity.id
_entity.type
_entity.pdbx_description
1 polymer 'TRANSCRIPTION INITIATION FACTOR TFIID-1'
2 polymer "DNA (5'-D(*GP*CP*TP*AP*TP*TP*AP*AP*AP*GP*GP*GP*CP*A)-3')"
3 polymer "DNA (5'-D(*TP*GP*CP*CP*CP*TP*TP*TP*AP*AP*TP*AP*GP*C)-3')"
4 water water
#
loop_
_entity_poly.entity_id
_entity_poly.type
_entity_poly.pdbx_seq_one_letter_code
_entity_poly.pdbx_strand_id
1 'polypeptide(L)'
;MTDQGLEGSNPVDLSKHPSGIVPTLQNIVSTVNLDCKLDLKAIALQARNAEYNPKRFAAVIMRIREPKTTALIFASGKMV
CTGAKSEDFSKMAARKYARIVQKLGFPAKFKDFKIQNIVGSCDVKFPIRLEGLAYSHAAFSSYEPELFPGLIYRMKVPKI
VLLIFVSGKIVITGAKMRDETYKAFENIYPVLSEFRKIQQ
;
A,B
2 'polydeoxyribonucleotide' (DG)(DC)(DT)(DA)(DT)(DT)(DA)(DA)(DA)(DG)(DG)(DG)(DC)(DA) C,E
3 'polydeoxyribonucleotide' (DT)(DG)(DC)(DC)(DC)(DT)(DT)(DT)(DA)(DA)(DT)(DA)(DG)(DC) D,F
#
# COMPACT_ATOMS: atom_id res chain seq x y z
N LYS A 16 -5.26 11.15 2.86
CA LYS A 16 -4.13 11.85 2.18
C LYS A 16 -2.92 10.91 2.21
N HIS A 17 -3.00 9.91 3.08
CA HIS A 17 -1.96 8.91 3.26
C HIS A 17 -2.62 7.54 3.01
N PRO A 18 -2.60 7.09 1.75
CA PRO A 18 -3.17 5.81 1.29
C PRO A 18 -2.84 4.60 2.13
N SER A 19 -1.62 4.58 2.66
CA SER A 19 -1.11 3.48 3.50
C SER A 19 -1.78 3.44 4.85
N GLY A 20 -2.33 4.57 5.27
CA GLY A 20 -2.98 4.64 6.58
C GLY A 20 -1.94 4.89 7.65
N ILE A 21 -0.73 5.26 7.23
CA ILE A 21 0.36 5.53 8.17
C ILE A 21 0.87 6.93 7.87
N VAL A 22 1.00 7.74 8.92
CA VAL A 22 1.50 9.09 8.78
C VAL A 22 2.83 9.18 9.53
N PRO A 23 3.90 9.49 8.81
CA PRO A 23 5.25 9.62 9.39
C PRO A 23 5.20 10.71 10.47
N THR A 24 5.83 10.45 11.60
CA THR A 24 5.87 11.41 12.68
C THR A 24 7.06 12.30 12.47
N LEU A 25 6.87 13.61 12.52
CA LEU A 25 7.99 14.52 12.35
C LEU A 25 8.81 14.48 13.65
N GLN A 26 10.13 14.29 13.52
CA GLN A 26 10.98 14.18 14.70
C GLN A 26 11.95 15.31 14.96
N ASN A 27 12.34 16.02 13.91
CA ASN A 27 13.32 17.08 14.06
C ASN A 27 13.15 18.05 12.91
N ILE A 28 13.32 19.33 13.20
CA ILE A 28 13.22 20.38 12.21
C ILE A 28 14.45 21.27 12.35
N VAL A 29 15.08 21.57 11.21
CA VAL A 29 16.24 22.44 11.14
C VAL A 29 15.77 23.61 10.29
N SER A 30 15.92 24.84 10.79
CA SER A 30 15.52 26.01 10.05
C SER A 30 16.58 27.09 10.20
N THR A 31 16.49 28.14 9.38
CA THR A 31 17.45 29.24 9.47
C THR A 31 16.68 30.55 9.41
N VAL A 32 17.31 31.61 9.92
CA VAL A 32 16.73 32.94 9.90
C VAL A 32 17.89 33.92 9.95
N ASN A 33 17.68 35.10 9.40
CA ASN A 33 18.70 36.12 9.37
C ASN A 33 18.29 37.22 10.31
N LEU A 34 19.04 37.40 11.39
CA LEU A 34 18.71 38.45 12.35
C LEU A 34 19.12 39.81 11.81
N ASP A 35 19.67 39.81 10.60
CA ASP A 35 20.07 41.00 9.88
C ASP A 35 20.75 42.04 10.76
N CYS A 36 21.78 41.61 11.48
CA CYS A 36 22.56 42.50 12.33
C CYS A 36 23.78 41.75 12.82
N LYS A 37 24.92 42.42 12.82
CA LYS A 37 26.16 41.83 13.28
C LYS A 37 26.04 41.63 14.78
N LEU A 38 26.63 40.55 15.28
CA LEU A 38 26.53 40.24 16.68
C LEU A 38 27.91 40.11 17.34
N ASP A 39 27.97 40.50 18.61
CA ASP A 39 29.20 40.39 19.39
C ASP A 39 28.98 39.08 20.13
N LEU A 40 29.54 38.00 19.59
CA LEU A 40 29.37 36.66 20.18
C LEU A 40 29.95 36.51 21.58
N LYS A 41 31.03 37.22 21.88
CA LYS A 41 31.62 37.12 23.20
C LYS A 41 30.71 37.83 24.19
N ALA A 42 30.07 38.91 23.74
CA ALA A 42 29.16 39.64 24.59
C ALA A 42 27.95 38.75 24.89
N ILE A 43 27.35 38.18 23.84
CA ILE A 43 26.21 37.29 23.99
C ILE A 43 26.51 36.13 24.94
N ALA A 44 27.67 35.50 24.76
CA ALA A 44 28.09 34.37 25.58
C ALA A 44 28.30 34.70 27.07
N LEU A 45 28.60 35.96 27.37
CA LEU A 45 28.79 36.36 28.74
C LEU A 45 27.49 36.85 29.38
N GLN A 46 26.67 37.52 28.59
CA GLN A 46 25.41 38.04 29.07
C GLN A 46 24.30 36.99 29.12
N ALA A 47 24.25 36.11 28.12
CA ALA A 47 23.20 35.09 28.03
C ALA A 47 23.25 34.03 29.12
N ARG A 48 22.10 33.38 29.32
CA ARG A 48 21.96 32.33 30.34
C ARG A 48 22.35 30.92 29.87
N ASN A 49 21.59 30.36 28.94
CA ASN A 49 21.89 29.02 28.44
C ASN A 49 22.74 29.14 27.18
N ALA A 50 23.92 29.78 27.30
CA ALA A 50 24.81 29.98 26.17
C ALA A 50 26.18 29.32 26.34
N GLU A 51 26.71 28.78 25.24
CA GLU A 51 28.01 28.12 25.23
C GLU A 51 28.79 28.65 24.04
N TYR A 52 30.04 29.02 24.25
CA TYR A 52 30.82 29.55 23.16
C TYR A 52 32.28 29.18 23.25
N ASN A 53 32.77 28.49 22.23
CA ASN A 53 34.17 28.13 22.13
C ASN A 53 34.58 28.24 20.69
N PRO A 54 35.09 29.43 20.31
CA PRO A 54 35.56 29.79 18.97
C PRO A 54 36.58 28.79 18.46
N LYS A 55 37.34 28.21 19.39
CA LYS A 55 38.35 27.24 19.01
C LYS A 55 37.68 26.02 18.42
N ARG A 56 36.48 25.72 18.89
CA ARG A 56 35.76 24.54 18.43
C ARG A 56 34.77 24.75 17.28
N PHE A 57 33.98 25.82 17.33
CA PHE A 57 32.99 26.11 16.29
C PHE A 57 32.68 27.60 16.37
N ALA A 58 32.37 28.21 15.24
CA ALA A 58 32.08 29.63 15.19
C ALA A 58 30.75 30.11 15.72
N ALA A 59 29.99 29.25 16.39
CA ALA A 59 28.70 29.68 16.86
C ALA A 59 28.50 29.67 18.36
N VAL A 60 27.60 30.54 18.83
CA VAL A 60 27.21 30.58 20.23
C VAL A 60 26.09 29.52 20.25
N ILE A 61 26.22 28.53 21.13
CA ILE A 61 25.20 27.49 21.24
C ILE A 61 24.26 27.89 22.38
N MET A 62 22.99 28.05 22.06
CA MET A 62 22.00 28.45 23.02
C MET A 62 20.83 27.44 23.05
N ARG A 63 20.19 27.25 24.19
CA ARG A 63 19.09 26.30 24.30
C ARG A 63 17.90 26.83 25.11
N ILE A 64 16.68 26.49 24.68
CA ILE A 64 15.46 26.88 25.39
C ILE A 64 14.65 25.61 25.65
N ARG A 65 13.79 25.63 26.67
CA ARG A 65 12.95 24.49 27.04
C ARG A 65 11.68 24.30 26.22
N GLU A 66 11.05 25.39 25.78
CA GLU A 66 9.82 25.28 25.02
C GLU A 66 9.70 26.30 23.92
N PRO A 67 9.67 25.85 22.65
CA PRO A 67 9.78 24.43 22.24
C PRO A 67 11.22 23.95 22.48
N LYS A 68 11.41 22.70 22.89
CA LYS A 68 12.77 22.23 23.16
C LYS A 68 13.64 22.29 21.93
N THR A 69 14.56 23.24 21.91
CA THR A 69 15.44 23.41 20.75
C THR A 69 16.84 23.86 21.16
N THR A 70 17.70 23.99 20.16
CA THR A 70 19.07 24.45 20.34
C THR A 70 19.32 25.39 19.17
N ALA A 71 19.86 26.58 19.43
CA ALA A 71 20.17 27.55 18.38
C ALA A 71 21.68 27.68 18.21
N LEU A 72 22.11 27.96 16.97
CA LEU A 72 23.52 28.20 16.65
C LEU A 72 23.48 29.65 16.15
N ILE A 73 24.01 30.56 16.96
CA ILE A 73 24.00 31.98 16.64
C ILE A 73 25.38 32.41 16.17
N PHE A 74 25.44 32.99 14.98
CA PHE A 74 26.71 33.39 14.37
C PHE A 74 26.85 34.91 14.33
N ALA A 75 28.09 35.38 14.33
CA ALA A 75 28.41 36.81 14.31
C ALA A 75 27.74 37.59 13.17
N SER A 76 27.52 36.91 12.05
CA SER A 76 26.87 37.54 10.89
C SER A 76 25.40 37.91 11.15
N GLY A 77 24.84 37.35 12.21
CA GLY A 77 23.45 37.60 12.52
C GLY A 77 22.64 36.40 12.05
N LYS A 78 23.31 35.47 11.36
CA LYS A 78 22.60 34.29 10.88
C LYS A 78 22.45 33.28 12.01
N MET A 79 21.32 32.58 12.01
CA MET A 79 21.02 31.61 13.05
C MET A 79 20.33 30.34 12.54
N VAL A 80 20.74 29.22 13.13
CA VAL A 80 20.23 27.91 12.81
C VAL A 80 19.47 27.44 14.06
N CYS A 81 18.27 26.91 13.87
CA CYS A 81 17.46 26.41 14.98
C CYS A 81 17.28 24.93 14.66
N THR A 82 17.52 24.06 15.63
CA THR A 82 17.40 22.60 15.43
C THR A 82 16.63 21.96 16.56
N GLY A 83 16.01 20.81 16.32
CA GLY A 83 15.30 20.10 17.39
C GLY A 83 13.79 20.17 17.58
N ALA A 84 13.10 21.06 16.88
CA ALA A 84 11.64 21.19 17.00
C ALA A 84 10.88 20.03 16.36
N LYS A 85 9.68 19.76 16.87
CA LYS A 85 8.86 18.67 16.34
C LYS A 85 7.98 19.07 15.18
N SER A 86 7.93 20.35 14.83
CA SER A 86 7.13 20.81 13.70
C SER A 86 7.70 22.11 13.16
N GLU A 87 7.20 22.55 12.02
CA GLU A 87 7.70 23.77 11.39
C GLU A 87 7.33 24.98 12.22
N ASP A 88 6.08 25.00 12.70
CA ASP A 88 5.57 26.08 13.53
C ASP A 88 6.40 26.22 14.80
N PHE A 89 6.66 25.09 15.47
CA PHE A 89 7.47 25.09 16.68
C PHE A 89 8.88 25.63 16.40
N SER A 90 9.40 25.31 15.22
CA SER A 90 10.72 25.76 14.86
C SER A 90 10.72 27.27 14.68
N LYS A 91 9.67 27.80 14.05
CA LYS A 91 9.56 29.24 13.85
C LYS A 91 9.33 29.98 15.17
N MET A 92 8.61 29.34 16.09
CA MET A 92 8.35 29.92 17.38
C MET A 92 9.61 29.98 18.22
N ALA A 93 10.38 28.89 18.18
CA ALA A 93 11.62 28.82 18.93
C ALA A 93 12.58 29.88 18.40
N ALA A 94 12.70 29.95 17.08
CA ALA A 94 13.58 30.93 16.47
C ALA A 94 13.24 32.35 16.93
N ARG A 95 11.95 32.68 16.99
CA ARG A 95 11.50 34.00 17.42
C ARG A 95 11.91 34.29 18.86
N LYS A 96 11.83 33.28 19.73
CA LYS A 96 12.24 33.44 21.13
C LYS A 96 13.74 33.72 21.21
N TYR A 97 14.53 33.07 20.36
CA TYR A 97 15.98 33.29 20.33
C TYR A 97 16.22 34.70 19.78
N ALA A 98 15.48 35.07 18.74
CA ALA A 98 15.62 36.40 18.17
C ALA A 98 15.30 37.48 19.22
N ARG A 99 14.34 37.18 20.11
CA ARG A 99 13.95 38.10 21.16
C ARG A 99 15.03 38.16 22.28
N ILE A 100 15.62 37.00 22.59
CA ILE A 100 16.67 36.93 23.59
C ILE A 100 17.77 37.90 23.16
N VAL A 101 18.23 37.71 21.92
CA VAL A 101 19.28 38.54 21.34
C VAL A 101 18.89 40.03 21.38
N GLN A 102 17.62 40.34 21.16
CA GLN A 102 17.16 41.73 21.23
C GLN A 102 17.34 42.26 22.64
N LYS A 103 16.87 41.52 23.64
CA LYS A 103 16.99 41.97 25.02
C LYS A 103 18.43 42.09 25.50
N LEU A 104 19.36 41.57 24.71
CA LEU A 104 20.78 41.64 25.03
C LEU A 104 21.35 42.92 24.44
N GLY A 105 20.49 43.69 23.79
CA GLY A 105 20.91 44.94 23.22
C GLY A 105 21.31 44.91 21.77
N PHE A 106 20.81 43.96 20.99
CA PHE A 106 21.14 43.91 19.58
C PHE A 106 19.92 44.15 18.74
N PRO A 107 20.04 44.94 17.67
CA PRO A 107 18.94 45.27 16.77
C PRO A 107 18.58 44.06 15.88
N ALA A 108 18.12 42.99 16.52
CA ALA A 108 17.76 41.76 15.84
C ALA A 108 16.40 41.81 15.15
N LYS A 109 16.39 41.40 13.88
CA LYS A 109 15.20 41.33 13.05
C LYS A 109 14.84 39.85 12.92
N PHE A 110 14.03 39.51 11.93
CA PHE A 110 13.65 38.13 11.71
C PHE A 110 13.37 37.99 10.23
N LYS A 111 14.46 38.10 9.48
CA LYS A 111 14.45 38.06 8.03
C LYS A 111 14.72 36.68 7.42
N ASP A 112 14.00 36.40 6.34
CA ASP A 112 14.15 35.15 5.60
C ASP A 112 14.05 33.84 6.39
N PHE A 113 13.05 33.70 7.24
CA PHE A 113 12.91 32.45 7.98
C PHE A 113 12.66 31.37 6.95
N LYS A 114 13.34 30.23 7.08
CA LYS A 114 13.16 29.15 6.12
C LYS A 114 13.46 27.80 6.75
N ILE A 115 12.61 26.82 6.49
CA ILE A 115 12.77 25.46 6.98
C ILE A 115 13.81 24.85 6.06
N GLN A 116 14.87 24.29 6.63
CA GLN A 116 15.95 23.72 5.83
C GLN A 116 15.99 22.20 5.77
N ASN A 117 15.38 21.52 6.74
CA ASN A 117 15.38 20.04 6.76
C ASN A 117 14.30 19.52 7.72
N ILE A 118 13.62 18.46 7.32
CA ILE A 118 12.60 17.84 8.15
C ILE A 118 12.92 16.35 8.23
N VAL A 119 12.97 15.82 9.46
CA VAL A 119 13.27 14.42 9.68
C VAL A 119 12.01 13.80 10.23
N GLY A 120 11.61 12.67 9.65
CA GLY A 120 10.42 11.99 10.10
C GLY A 120 10.71 10.51 10.16
N SER A 121 9.87 9.77 10.87
CA SER A 121 10.05 8.33 10.98
C SER A 121 8.70 7.66 11.19
N CYS A 122 8.59 6.41 10.77
CA CYS A 122 7.38 5.64 10.94
C CYS A 122 7.71 4.17 11.01
N ASP A 123 6.70 3.39 11.33
CA ASP A 123 6.82 1.97 11.55
C ASP A 123 5.80 1.26 10.67
N VAL A 124 6.25 0.48 9.69
CA VAL A 124 5.31 -0.23 8.82
C VAL A 124 4.78 -1.49 9.47
N LYS A 125 5.43 -1.93 10.54
CA LYS A 125 4.97 -3.09 11.29
C LYS A 125 5.22 -4.45 10.67
N PHE A 126 6.22 -4.55 9.82
CA PHE A 126 6.56 -5.86 9.26
C PHE A 126 8.04 -5.82 8.87
N PRO A 127 8.74 -6.96 9.01
CA PRO A 127 10.15 -7.00 8.67
C PRO A 127 10.38 -6.84 7.17
N ILE A 128 11.56 -6.37 6.80
CA ILE A 128 11.92 -6.12 5.42
C ILE A 128 13.19 -6.89 5.04
N ARG A 129 13.21 -7.38 3.81
CA ARG A 129 14.36 -8.08 3.25
C ARG A 129 15.17 -6.98 2.58
N LEU A 130 16.07 -6.34 3.32
CA LEU A 130 16.87 -5.25 2.79
C LEU A 130 17.72 -5.60 1.58
N GLU A 131 18.35 -6.78 1.56
CA GLU A 131 19.18 -7.14 0.43
C GLU A 131 18.37 -7.28 -0.85
N GLY A 132 17.20 -7.92 -0.77
CA GLY A 132 16.36 -8.07 -1.94
C GLY A 132 15.91 -6.72 -2.45
N LEU A 133 15.58 -5.84 -1.52
CA LEU A 133 15.13 -4.50 -1.87
C LEU A 133 16.26 -3.78 -2.58
N ALA A 134 17.43 -3.76 -1.94
CA ALA A 134 18.59 -3.10 -2.50
C ALA A 134 18.91 -3.58 -3.91
N TYR A 135 18.89 -4.89 -4.10
CA TYR A 135 19.20 -5.49 -5.40
C TYR A 135 18.21 -5.09 -6.48
N SER A 136 16.94 -5.06 -6.13
CA SER A 136 15.91 -4.69 -7.08
C SER A 136 15.91 -3.20 -7.42
N HIS A 137 16.56 -2.39 -6.58
CA HIS A 137 16.62 -0.94 -6.79
C HIS A 137 18.03 -0.48 -6.61
N ALA A 138 18.97 -1.10 -7.32
CA ALA A 138 20.38 -0.79 -7.22
C ALA A 138 20.75 0.65 -7.52
N ALA A 139 19.95 1.30 -8.35
CA ALA A 139 20.15 2.69 -8.73
C ALA A 139 19.96 3.68 -7.57
N PHE A 140 19.08 3.34 -6.65
CA PHE A 140 18.76 4.19 -5.51
C PHE A 140 19.29 3.64 -4.20
N SER A 141 19.33 2.32 -4.08
CA SER A 141 19.76 1.64 -2.87
C SER A 141 21.24 1.47 -2.65
N SER A 142 21.61 1.55 -1.38
CA SER A 142 22.96 1.42 -0.93
C SER A 142 22.82 0.66 0.37
N TYR A 143 23.27 -0.59 0.42
CA TYR A 143 23.13 -1.39 1.61
C TYR A 143 24.39 -2.15 1.95
N GLU A 144 25.08 -1.69 2.98
CA GLU A 144 26.32 -2.29 3.45
C GLU A 144 26.18 -2.47 4.96
N PRO A 145 25.45 -3.53 5.38
CA PRO A 145 25.16 -3.89 6.77
C PRO A 145 26.32 -3.96 7.75
N GLU A 146 27.55 -4.21 7.26
CA GLU A 146 28.71 -4.29 8.14
C GLU A 146 29.13 -2.93 8.67
N LEU A 147 28.72 -1.87 7.97
CA LEU A 147 29.04 -0.52 8.40
C LEU A 147 27.82 0.14 9.04
N PHE A 148 26.64 -0.09 8.46
CA PHE A 148 25.40 0.47 8.99
C PHE A 148 24.26 -0.52 8.71
N PRO A 149 23.46 -0.85 9.72
CA PRO A 149 22.33 -1.78 9.66
C PRO A 149 21.21 -1.39 8.69
N GLY A 150 21.09 -0.12 8.33
CA GLY A 150 20.02 0.30 7.44
C GLY A 150 20.38 0.43 5.97
N LEU A 151 19.37 0.30 5.12
CA LEU A 151 19.56 0.44 3.69
C LEU A 151 19.32 1.91 3.39
N ILE A 152 20.25 2.54 2.69
CA ILE A 152 20.13 3.94 2.35
C ILE A 152 19.43 4.03 1.02
N TYR A 153 18.21 4.56 1.02
CA TYR A 153 17.45 4.70 -0.22
C TYR A 153 17.37 6.17 -0.64
N ARG A 154 18.13 6.51 -1.67
CA ARG A 154 18.18 7.87 -2.16
C ARG A 154 17.19 8.12 -3.30
N MET A 155 15.96 8.47 -2.92
CA MET A 155 14.88 8.71 -3.85
C MET A 155 15.15 9.98 -4.62
N LYS A 156 14.76 10.01 -5.89
CA LYS A 156 14.98 11.19 -6.72
C LYS A 156 13.75 12.09 -6.83
N VAL A 157 12.56 11.50 -6.73
CA VAL A 157 11.34 12.28 -6.78
C VAL A 157 10.39 11.79 -5.68
N PRO A 158 10.28 12.52 -4.57
CA PRO A 158 11.01 13.78 -4.32
C PRO A 158 12.43 13.45 -3.90
N LYS A 159 13.31 14.44 -3.93
CA LYS A 159 14.70 14.21 -3.55
C LYS A 159 14.80 14.03 -2.03
N ILE A 160 14.50 12.81 -1.58
CA ILE A 160 14.48 12.43 -0.17
C ILE A 160 15.33 11.16 0.08
N VAL A 161 15.92 11.04 1.26
CA VAL A 161 16.70 9.86 1.60
C VAL A 161 15.98 9.10 2.72
N LEU A 162 15.72 7.83 2.49
CA LEU A 162 15.04 7.01 3.47
C LEU A 162 16.00 5.95 4.01
N LEU A 163 16.02 5.76 5.32
CA LEU A 163 16.86 4.74 5.93
C LEU A 163 15.86 3.66 6.29
N ILE A 164 16.01 2.51 5.64
CA ILE A 164 15.10 1.38 5.84
C ILE A 164 15.78 0.27 6.63
N PHE A 165 15.16 -0.10 7.74
CA PHE A 165 15.66 -1.12 8.62
C PHE A 165 14.86 -2.41 8.51
N VAL A 166 15.51 -3.52 8.81
CA VAL A 166 14.85 -4.82 8.72
C VAL A 166 13.64 -4.91 9.65
N SER A 167 13.62 -4.08 10.69
CA SER A 167 12.53 -4.05 11.65
C SER A 167 11.20 -3.52 11.08
N GLY A 168 11.27 -2.74 10.00
CA GLY A 168 10.07 -2.15 9.45
C GLY A 168 10.01 -0.68 9.80
N LYS A 169 10.98 -0.19 10.57
CA LYS A 169 11.04 1.22 10.92
C LYS A 169 11.81 1.92 9.81
N ILE A 170 11.37 3.14 9.50
CA ILE A 170 11.91 3.95 8.41
C ILE A 170 12.24 5.35 8.89
N VAL A 171 13.35 5.89 8.42
CA VAL A 171 13.71 7.28 8.75
C VAL A 171 13.67 7.98 7.38
N ILE A 172 13.09 9.17 7.35
CA ILE A 172 12.95 9.92 6.11
C ILE A 172 13.54 11.30 6.36
N THR A 173 14.58 11.65 5.62
CA THR A 173 15.22 12.93 5.84
C THR A 173 15.56 13.72 4.56
N GLY A 174 15.73 15.03 4.71
CA GLY A 174 16.05 15.86 3.57
C GLY A 174 14.94 16.74 3.04
N ALA A 175 13.73 16.63 3.58
CA ALA A 175 12.63 17.44 3.10
C ALA A 175 12.65 18.86 3.62
N LYS A 176 12.25 19.80 2.76
CA LYS A 176 12.13 21.19 3.15
C LYS A 176 10.65 21.50 3.39
N MET A 177 9.79 20.53 3.10
CA MET A 177 8.35 20.63 3.28
C MET A 177 7.84 19.26 3.71
N ARG A 178 6.86 19.22 4.61
CA ARG A 178 6.32 17.95 5.08
C ARG A 178 5.65 17.07 4.03
N ASP A 179 5.11 17.66 2.97
CA ASP A 179 4.47 16.86 1.92
C ASP A 179 5.50 16.01 1.16
N GLU A 180 6.77 16.42 1.16
CA GLU A 180 7.83 15.66 0.51
C GLU A 180 8.10 14.40 1.34
N THR A 181 8.12 14.57 2.66
CA THR A 181 8.32 13.49 3.64
C THR A 181 7.22 12.43 3.47
N TYR A 182 5.98 12.90 3.37
CA TYR A 182 4.82 12.06 3.21
C TYR A 182 4.80 11.37 1.86
N LYS A 183 5.15 12.09 0.79
CA LYS A 183 5.16 11.53 -0.55
C LYS A 183 6.26 10.46 -0.73
N ALA A 184 7.43 10.74 -0.16
CA ALA A 184 8.55 9.80 -0.21
C ALA A 184 8.10 8.52 0.45
N PHE A 185 7.37 8.63 1.56
CA PHE A 185 6.89 7.46 2.27
C PHE A 185 5.84 6.67 1.50
N GLU A 186 4.90 7.38 0.89
CA GLU A 186 3.85 6.74 0.12
C GLU A 186 4.45 6.03 -1.08
N ASN A 187 5.49 6.63 -1.66
CA ASN A 187 6.18 6.06 -2.80
C ASN A 187 6.89 4.75 -2.43
N ILE A 188 7.57 4.75 -1.30
CA ILE A 188 8.31 3.58 -0.87
C ILE A 188 7.46 2.44 -0.33
N TYR A 189 6.33 2.77 0.26
CA TYR A 189 5.45 1.78 0.88
C TYR A 189 5.19 0.50 0.08
N PRO A 190 4.83 0.63 -1.20
CA PRO A 190 4.57 -0.55 -2.04
C PRO A 190 5.81 -1.40 -2.19
N VAL A 191 6.98 -0.74 -2.22
CA VAL A 191 8.26 -1.43 -2.35
C VAL A 191 8.53 -2.20 -1.06
N LEU A 192 8.31 -1.56 0.07
CA LEU A 192 8.50 -2.21 1.36
C LEU A 192 7.62 -3.46 1.46
N SER A 193 6.40 -3.36 0.95
CA SER A 193 5.44 -4.48 0.97
C SER A 193 5.89 -5.62 0.06
N GLU A 194 6.42 -5.26 -1.11
CA GLU A 194 6.92 -6.23 -2.06
C GLU A 194 8.07 -7.01 -1.41
N PHE A 195 8.81 -6.33 -0.54
CA PHE A 195 9.94 -6.96 0.13
C PHE A 195 9.77 -7.27 1.59
N ARG A 196 8.56 -7.66 1.97
CA ARG A 196 8.23 -8.03 3.33
C ARG A 196 8.90 -9.37 3.59
N LYS A 197 9.49 -9.52 4.78
CA LYS A 197 10.15 -10.77 5.13
C LYS A 197 9.15 -11.74 5.72
N ILE A 198 8.87 -12.81 5.00
CA ILE A 198 7.92 -13.83 5.42
C ILE A 198 8.65 -14.88 6.29
N VAL B 12 -5.17 3.64 -5.39
CA VAL B 12 -5.24 2.37 -4.64
C VAL B 12 -5.18 2.64 -3.14
N ASP B 13 -5.95 1.85 -2.37
CA ASP B 13 -5.95 1.98 -0.93
C ASP B 13 -4.90 1.01 -0.39
N LEU B 14 -3.68 1.51 -0.23
CA LEU B 14 -2.56 0.72 0.27
C LEU B 14 -2.83 0.19 1.67
N SER B 15 -3.86 0.74 2.31
CA SER B 15 -4.21 0.29 3.62
C SER B 15 -4.78 -1.12 3.51
N LYS B 16 -5.46 -1.39 2.39
CA LYS B 16 -6.05 -2.70 2.14
C LYS B 16 -5.26 -3.48 1.10
N HIS B 17 -4.49 -2.75 0.29
CA HIS B 17 -3.68 -3.35 -0.75
C HIS B 17 -2.24 -2.79 -0.67
N PRO B 18 -1.48 -3.25 0.33
CA PRO B 18 -0.08 -2.85 0.62
C PRO B 18 0.84 -2.86 -0.60
N SER B 19 0.57 -3.78 -1.54
CA SER B 19 1.36 -3.95 -2.75
C SER B 19 1.11 -2.86 -3.76
N GLY B 20 -0.05 -2.21 -3.64
CA GLY B 20 -0.42 -1.15 -4.57
C GLY B 20 -1.11 -1.73 -5.80
N ILE B 21 -1.31 -3.05 -5.78
CA ILE B 21 -1.92 -3.75 -6.88
C ILE B 21 -3.25 -4.37 -6.44
N VAL B 22 -4.32 -4.15 -7.23
CA VAL B 22 -5.62 -4.70 -6.89
C VAL B 22 -6.09 -5.68 -7.96
N PRO B 23 -6.25 -6.96 -7.59
CA PRO B 23 -6.71 -7.97 -8.55
C PRO B 23 -8.06 -7.50 -9.12
N THR B 24 -8.27 -7.72 -10.42
CA THR B 24 -9.50 -7.35 -11.09
C THR B 24 -10.43 -8.54 -11.07
N LEU B 25 -11.68 -8.35 -10.65
CA LEU B 25 -12.61 -9.47 -10.61
C LEU B 25 -13.03 -9.80 -12.04
N GLN B 26 -12.93 -11.08 -12.40
CA GLN B 26 -13.23 -11.52 -13.75
C GLN B 26 -14.45 -12.39 -13.91
N ASN B 27 -14.86 -13.08 -12.87
CA ASN B 27 -16.00 -13.97 -13.00
C ASN B 27 -16.58 -14.25 -11.64
N ILE B 28 -17.90 -14.25 -11.55
CA ILE B 28 -18.56 -14.52 -10.28
C ILE B 28 -19.57 -15.65 -10.49
N VAL B 29 -19.55 -16.64 -9.60
CA VAL B 29 -20.49 -17.75 -9.66
C VAL B 29 -21.37 -17.56 -8.44
N SER B 30 -22.68 -17.55 -8.62
CA SER B 30 -23.57 -17.39 -7.49
C SER B 30 -24.73 -18.38 -7.63
N THR B 31 -25.42 -18.66 -6.54
CA THR B 31 -26.58 -19.55 -6.56
C THR B 31 -27.74 -18.88 -5.82
N VAL B 32 -28.96 -19.29 -6.15
CA VAL B 32 -30.16 -18.79 -5.49
C VAL B 32 -31.26 -19.84 -5.59
N ASN B 33 -32.23 -19.74 -4.70
CA ASN B 33 -33.33 -20.68 -4.67
C ASN B 33 -34.59 -19.95 -5.07
N LEU B 34 -35.16 -20.28 -6.23
CA LEU B 34 -36.40 -19.65 -6.67
C LEU B 34 -37.55 -20.17 -5.79
N ASP B 35 -37.26 -21.23 -5.04
CA ASP B 35 -38.19 -21.82 -4.08
C ASP B 35 -39.51 -22.38 -4.64
N CYS B 36 -39.44 -23.12 -5.74
CA CYS B 36 -40.62 -23.72 -6.34
C CYS B 36 -40.18 -24.69 -7.42
N LYS B 37 -40.91 -25.78 -7.59
CA LYS B 37 -40.55 -26.77 -8.60
C LYS B 37 -40.78 -26.12 -9.95
N LEU B 38 -39.85 -26.34 -10.86
CA LEU B 38 -39.94 -25.75 -12.18
C LEU B 38 -40.14 -26.82 -13.25
N ASP B 39 -40.82 -26.46 -14.33
CA ASP B 39 -41.05 -27.38 -15.43
C ASP B 39 -40.11 -26.95 -16.53
N LEU B 40 -38.99 -27.66 -16.64
CA LEU B 40 -37.95 -27.33 -17.60
C LEU B 40 -38.30 -27.43 -19.09
N LYS B 41 -39.05 -28.44 -19.49
CA LYS B 41 -39.44 -28.57 -20.90
C LYS B 41 -40.27 -27.34 -21.25
N ALA B 42 -41.20 -26.97 -20.38
CA ALA B 42 -42.06 -25.81 -20.60
C ALA B 42 -41.26 -24.51 -20.67
N ILE B 43 -40.24 -24.38 -19.81
CA ILE B 43 -39.43 -23.18 -19.82
C ILE B 43 -38.63 -23.11 -21.11
N ALA B 44 -38.10 -24.24 -21.55
CA ALA B 44 -37.34 -24.24 -22.78
C ALA B 44 -38.24 -23.95 -23.98
N LEU B 45 -39.51 -24.34 -23.87
CA LEU B 45 -40.43 -24.11 -24.96
C LEU B 45 -40.91 -22.67 -25.04
N GLN B 46 -41.20 -22.05 -23.91
CA GLN B 46 -41.70 -20.69 -23.92
C GLN B 46 -40.63 -19.60 -23.84
N ALA B 47 -39.51 -19.87 -23.18
CA ALA B 47 -38.45 -18.88 -23.04
C ALA B 47 -37.77 -18.63 -24.36
N ARG B 48 -37.22 -17.43 -24.53
CA ARG B 48 -36.56 -17.07 -25.78
C ARG B 48 -35.14 -17.61 -25.92
N ASN B 49 -34.21 -17.12 -25.11
CA ASN B 49 -32.83 -17.58 -25.21
C ASN B 49 -32.55 -18.74 -24.25
N ALA B 50 -33.26 -19.85 -24.43
CA ALA B 50 -33.10 -21.01 -23.55
C ALA B 50 -32.73 -22.30 -24.29
N GLU B 51 -31.73 -22.97 -23.74
CA GLU B 51 -31.24 -24.23 -24.29
C GLU B 51 -31.53 -25.27 -23.21
N TYR B 52 -31.93 -26.45 -23.63
CA TYR B 52 -32.22 -27.50 -22.67
C TYR B 52 -32.06 -28.85 -23.35
N ASN B 53 -31.11 -29.63 -22.86
CA ASN B 53 -30.86 -30.95 -23.40
C ASN B 53 -30.62 -31.85 -22.21
N PRO B 54 -31.71 -32.42 -21.67
CA PRO B 54 -31.67 -33.33 -20.52
C PRO B 54 -30.80 -34.57 -20.72
N LYS B 55 -30.43 -34.83 -21.96
CA LYS B 55 -29.56 -35.95 -22.29
C LYS B 55 -28.13 -35.52 -21.94
N ARG B 56 -27.87 -34.23 -22.07
CA ARG B 56 -26.55 -33.67 -21.84
C ARG B 56 -26.32 -33.13 -20.42
N PHE B 57 -27.27 -32.36 -19.92
CA PHE B 57 -27.16 -31.78 -18.59
C PHE B 57 -28.59 -31.49 -18.11
N ALA B 58 -28.84 -31.73 -16.83
CA ALA B 58 -30.16 -31.53 -16.23
C ALA B 58 -30.60 -30.11 -15.97
N ALA B 59 -30.15 -29.15 -16.76
CA ALA B 59 -30.54 -27.77 -16.53
C ALA B 59 -30.91 -27.02 -17.80
N VAL B 60 -31.69 -25.97 -17.64
CA VAL B 60 -32.05 -25.10 -18.75
C VAL B 60 -30.96 -24.04 -18.71
N ILE B 61 -30.20 -23.90 -19.80
CA ILE B 61 -29.15 -22.91 -19.89
C ILE B 61 -29.81 -21.67 -20.52
N MET B 62 -29.72 -20.53 -19.84
CA MET B 62 -30.33 -19.30 -20.32
C MET B 62 -29.34 -18.13 -20.24
N ARG B 63 -29.47 -17.15 -21.14
CA ARG B 63 -28.53 -16.02 -21.11
C ARG B 63 -29.16 -14.67 -21.33
N ILE B 64 -28.56 -13.65 -20.71
CA ILE B 64 -29.00 -12.26 -20.85
C ILE B 64 -27.79 -11.42 -21.19
N ARG B 65 -28.03 -10.26 -21.80
CA ARG B 65 -26.97 -9.35 -22.20
C ARG B 65 -26.43 -8.43 -21.12
N GLU B 66 -27.27 -8.03 -20.17
CA GLU B 66 -26.83 -7.11 -19.13
C GLU B 66 -27.46 -7.40 -17.79
N PRO B 67 -26.65 -7.78 -16.79
CA PRO B 67 -25.19 -7.95 -16.93
C PRO B 67 -25.00 -9.19 -17.77
N LYS B 68 -23.91 -9.28 -18.53
CA LYS B 68 -23.70 -10.44 -19.38
C LYS B 68 -23.41 -11.67 -18.52
N THR B 69 -24.36 -12.59 -18.51
CA THR B 69 -24.27 -13.80 -17.71
C THR B 69 -24.99 -15.00 -18.33
N THR B 70 -24.77 -16.17 -17.72
CA THR B 70 -25.41 -17.41 -18.15
C THR B 70 -26.00 -18.02 -16.90
N ALA B 71 -27.23 -18.50 -16.98
CA ALA B 71 -27.86 -19.15 -15.84
C ALA B 71 -28.10 -20.60 -16.15
N LEU B 72 -28.07 -21.42 -15.11
CA LEU B 72 -28.36 -22.85 -15.18
C LEU B 72 -29.58 -22.94 -14.28
N ILE B 73 -30.73 -23.23 -14.87
CA ILE B 73 -31.97 -23.34 -14.11
C ILE B 73 -32.37 -24.80 -13.99
N PHE B 74 -32.52 -25.24 -12.74
CA PHE B 74 -32.85 -26.63 -12.44
C PHE B 74 -34.32 -26.85 -12.05
N ALA B 75 -34.79 -28.08 -12.18
CA ALA B 75 -36.17 -28.42 -11.83
C ALA B 75 -36.48 -28.23 -10.34
N SER B 76 -35.45 -28.33 -9.51
CA SER B 76 -35.60 -28.14 -8.08
C SER B 76 -35.94 -26.69 -7.73
N GLY B 77 -35.78 -25.79 -8.68
CA GLY B 77 -36.05 -24.39 -8.45
C GLY B 77 -34.78 -23.64 -8.12
N LYS B 78 -33.68 -24.36 -7.97
CA LYS B 78 -32.38 -23.75 -7.67
C LYS B 78 -31.74 -23.22 -8.95
N MET B 79 -30.93 -22.18 -8.80
CA MET B 79 -30.28 -21.57 -9.94
C MET B 79 -28.82 -21.17 -9.73
N VAL B 80 -27.99 -21.43 -10.73
CA VAL B 80 -26.59 -21.07 -10.71
C VAL B 80 -26.41 -19.94 -11.75
N CYS B 81 -25.76 -18.85 -11.36
CA CYS B 81 -25.52 -17.71 -12.27
C CYS B 81 -24.00 -17.57 -12.38
N THR B 82 -23.48 -17.48 -13.62
CA THR B 82 -22.04 -17.38 -13.85
C THR B 82 -21.72 -16.28 -14.84
N GLY B 83 -20.48 -15.80 -14.83
CA GLY B 83 -20.08 -14.78 -15.78
C GLY B 83 -20.05 -13.30 -15.38
N ALA B 84 -20.76 -12.93 -14.32
CA ALA B 84 -20.78 -11.53 -13.90
C ALA B 84 -19.40 -11.04 -13.50
N LYS B 85 -19.21 -9.73 -13.57
CA LYS B 85 -17.93 -9.13 -13.25
C LYS B 85 -17.83 -8.65 -11.79
N SER B 86 -18.91 -8.79 -11.03
CA SER B 86 -18.92 -8.39 -9.62
C SER B 86 -20.07 -9.07 -8.90
N GLU B 87 -20.02 -9.03 -7.58
CA GLU B 87 -21.03 -9.64 -6.73
C GLU B 87 -22.40 -9.01 -6.96
N ASP B 88 -22.41 -7.68 -7.07
CA ASP B 88 -23.66 -6.94 -7.30
C ASP B 88 -24.23 -7.30 -8.66
N PHE B 89 -23.38 -7.30 -9.69
CA PHE B 89 -23.82 -7.67 -11.03
C PHE B 89 -24.38 -9.08 -11.06
N SER B 90 -23.73 -9.99 -10.35
CA SER B 90 -24.18 -11.38 -10.29
C SER B 90 -25.56 -11.43 -9.63
N LYS B 91 -25.77 -10.65 -8.57
CA LYS B 91 -27.05 -10.63 -7.87
C LYS B 91 -28.16 -10.06 -8.74
N MET B 92 -27.89 -8.94 -9.40
CA MET B 92 -28.87 -8.31 -10.28
C MET B 92 -29.28 -9.18 -11.47
N ALA B 93 -28.31 -9.87 -12.07
CA ALA B 93 -28.57 -10.77 -13.19
C ALA B 93 -29.44 -11.90 -12.65
N ALA B 94 -29.09 -12.40 -11.49
CA ALA B 94 -29.84 -13.47 -10.86
C ALA B 94 -31.28 -13.03 -10.64
N ARG B 95 -31.47 -11.76 -10.24
CA ARG B 95 -32.81 -11.23 -10.01
C ARG B 95 -33.58 -11.18 -11.32
N LYS B 96 -32.90 -10.81 -12.41
CA LYS B 96 -33.52 -10.76 -13.73
C LYS B 96 -34.03 -12.13 -14.21
N TYR B 97 -33.22 -13.18 -14.03
CA TYR B 97 -33.61 -14.54 -14.43
C TYR B 97 -34.84 -14.97 -13.65
N ALA B 98 -34.84 -14.72 -12.34
CA ALA B 98 -35.97 -15.07 -11.49
C ALA B 98 -37.24 -14.37 -11.99
N ARG B 99 -37.06 -13.15 -12.49
CA ARG B 99 -38.17 -12.36 -13.04
C ARG B 99 -38.68 -13.00 -14.33
N ILE B 100 -37.76 -13.53 -15.14
CA ILE B 100 -38.12 -14.18 -16.39
C ILE B 100 -38.96 -15.42 -16.07
N VAL B 101 -38.51 -16.20 -15.08
CA VAL B 101 -39.20 -17.42 -14.67
C VAL B 101 -40.61 -17.08 -14.20
N GLN B 102 -40.73 -16.02 -13.38
CA GLN B 102 -42.03 -15.55 -12.90
C GLN B 102 -42.92 -15.23 -14.11
N LYS B 103 -42.42 -14.41 -15.03
CA LYS B 103 -43.18 -14.05 -16.22
C LYS B 103 -43.55 -15.26 -17.07
N LEU B 104 -42.90 -16.39 -16.82
CA LEU B 104 -43.22 -17.63 -17.53
C LEU B 104 -44.31 -18.38 -16.78
N GLY B 105 -44.70 -17.88 -15.61
CA GLY B 105 -45.77 -18.50 -14.87
C GLY B 105 -45.37 -19.49 -13.80
N PHE B 106 -44.44 -19.10 -12.94
CA PHE B 106 -44.00 -19.96 -11.85
C PHE B 106 -43.86 -19.01 -10.67
N PRO B 107 -44.30 -19.42 -9.47
CA PRO B 107 -44.21 -18.55 -8.29
C PRO B 107 -42.78 -18.37 -7.76
N ALA B 108 -41.91 -17.89 -8.65
CA ALA B 108 -40.50 -17.69 -8.35
C ALA B 108 -40.25 -16.68 -7.24
N LYS B 109 -39.44 -17.10 -6.27
CA LYS B 109 -39.01 -16.25 -5.17
C LYS B 109 -37.51 -16.03 -5.37
N PHE B 110 -36.81 -15.62 -4.33
CA PHE B 110 -35.39 -15.36 -4.44
C PHE B 110 -34.76 -15.57 -3.09
N LYS B 111 -34.71 -16.83 -2.65
CA LYS B 111 -34.17 -17.14 -1.34
C LYS B 111 -32.74 -17.69 -1.35
N ASP B 112 -32.02 -17.39 -0.27
CA ASP B 112 -30.66 -17.84 -0.07
C ASP B 112 -29.65 -17.50 -1.17
N PHE B 113 -29.71 -16.27 -1.69
CA PHE B 113 -28.76 -15.87 -2.71
C PHE B 113 -27.36 -15.92 -2.11
N LYS B 114 -26.42 -16.56 -2.78
CA LYS B 114 -25.07 -16.67 -2.25
C LYS B 114 -23.99 -16.65 -3.31
N ILE B 115 -22.87 -15.97 -3.01
CA ILE B 115 -21.72 -15.92 -3.90
C ILE B 115 -20.98 -17.20 -3.60
N GLN B 116 -20.72 -17.99 -4.64
CA GLN B 116 -20.04 -19.28 -4.49
C GLN B 116 -18.58 -19.33 -4.96
N ASN B 117 -18.22 -18.45 -5.88
CA ASN B 117 -16.85 -18.41 -6.38
C ASN B 117 -16.60 -17.06 -7.03
N ILE B 118 -15.39 -16.56 -6.84
CA ILE B 118 -14.97 -15.29 -7.40
C ILE B 118 -13.61 -15.59 -8.00
N VAL B 119 -13.44 -15.22 -9.27
CA VAL B 119 -12.18 -15.43 -9.98
C VAL B 119 -11.60 -14.05 -10.26
N GLY B 120 -10.35 -13.82 -9.88
CA GLY B 120 -9.73 -12.55 -10.15
C GLY B 120 -8.38 -12.78 -10.84
N SER B 121 -7.75 -11.72 -11.32
CA SER B 121 -6.45 -11.86 -11.95
C SER B 121 -5.66 -10.57 -11.83
N CYS B 122 -4.34 -10.66 -11.81
CA CYS B 122 -3.50 -9.46 -11.76
C CYS B 122 -2.09 -9.70 -12.31
N ASP B 123 -1.32 -8.63 -12.36
CA ASP B 123 0.00 -8.69 -12.91
C ASP B 123 0.99 -8.10 -11.91
N VAL B 124 1.97 -8.90 -11.49
CA VAL B 124 2.96 -8.43 -10.53
C VAL B 124 4.02 -7.56 -11.16
N LYS B 125 4.02 -7.51 -12.49
CA LYS B 125 4.97 -6.69 -13.22
C LYS B 125 6.42 -7.18 -13.32
N PHE B 126 6.66 -8.46 -13.10
CA PHE B 126 8.00 -9.03 -13.23
C PHE B 126 7.86 -10.53 -13.47
N PRO B 127 8.79 -11.12 -14.25
CA PRO B 127 8.77 -12.56 -14.56
C PRO B 127 9.11 -13.38 -13.32
N ILE B 128 8.65 -14.62 -13.29
CA ILE B 128 8.87 -15.47 -12.12
C ILE B 128 9.52 -16.80 -12.48
N ARG B 129 10.43 -17.25 -11.61
CA ARG B 129 11.13 -18.53 -11.73
C ARG B 129 10.22 -19.53 -11.01
N LEU B 130 9.33 -20.14 -11.77
CA LEU B 130 8.37 -21.07 -11.20
C LEU B 130 8.95 -22.29 -10.52
N GLU B 131 10.04 -22.84 -11.06
CA GLU B 131 10.62 -24.02 -10.43
C GLU B 131 11.18 -23.70 -9.06
N GLY B 132 11.73 -22.50 -8.90
CA GLY B 132 12.27 -22.10 -7.61
C GLY B 132 11.14 -22.03 -6.61
N LEU B 133 10.06 -21.39 -7.01
CA LEU B 133 8.88 -21.26 -6.15
C LEU B 133 8.38 -22.65 -5.74
N ALA B 134 8.17 -23.50 -6.73
CA ALA B 134 7.68 -24.86 -6.52
C ALA B 134 8.54 -25.62 -5.53
N TYR B 135 9.86 -25.59 -5.73
CA TYR B 135 10.78 -26.29 -4.85
C TYR B 135 10.73 -25.78 -3.43
N SER B 136 10.81 -24.45 -3.29
CA SER B 136 10.77 -23.84 -1.97
C SER B 136 9.42 -24.07 -1.31
N HIS B 137 8.37 -24.25 -2.13
CA HIS B 137 7.01 -24.44 -1.62
C HIS B 137 6.32 -25.70 -2.09
N ALA B 138 7.02 -26.81 -1.96
CA ALA B 138 6.52 -28.12 -2.38
C ALA B 138 5.19 -28.54 -1.75
N ALA B 139 4.94 -28.11 -0.52
CA ALA B 139 3.71 -28.46 0.16
C ALA B 139 2.45 -27.78 -0.37
N PHE B 140 2.62 -26.65 -1.07
CA PHE B 140 1.49 -25.90 -1.60
C PHE B 140 1.45 -25.89 -3.11
N SER B 141 2.59 -26.17 -3.72
CA SER B 141 2.71 -26.12 -5.16
C SER B 141 2.51 -27.38 -5.94
N SER B 142 2.25 -27.17 -7.22
CA SER B 142 2.08 -28.22 -8.21
C SER B 142 2.48 -27.55 -9.52
N TYR B 143 3.62 -27.97 -10.05
CA TYR B 143 4.12 -27.38 -11.27
C TYR B 143 4.68 -28.43 -12.24
N GLU B 144 3.91 -28.75 -13.28
CA GLU B 144 4.31 -29.70 -14.29
C GLU B 144 4.10 -28.95 -15.62
N PRO B 145 5.09 -28.15 -16.04
CA PRO B 145 5.01 -27.36 -17.28
C PRO B 145 4.67 -28.11 -18.55
N GLU B 146 4.87 -29.42 -18.57
CA GLU B 146 4.56 -30.20 -19.76
C GLU B 146 3.07 -30.42 -19.85
N LEU B 147 2.40 -30.33 -18.71
CA LEU B 147 0.95 -30.52 -18.64
C LEU B 147 0.19 -29.17 -18.71
N PHE B 148 0.63 -28.19 -17.92
CA PHE B 148 0.04 -26.85 -17.88
C PHE B 148 1.19 -25.88 -17.54
N PRO B 149 1.36 -24.79 -18.31
CA PRO B 149 2.41 -23.79 -18.10
C PRO B 149 2.45 -23.03 -16.77
N GLY B 150 1.35 -23.02 -16.03
CA GLY B 150 1.33 -22.30 -14.78
C GLY B 150 1.50 -23.18 -13.56
N LEU B 151 1.99 -22.58 -12.49
CA LEU B 151 2.18 -23.27 -11.24
C LEU B 151 0.87 -23.12 -10.44
N ILE B 152 0.34 -24.23 -9.94
CA ILE B 152 -0.88 -24.22 -9.14
C ILE B 152 -0.44 -24.14 -7.70
N TYR B 153 -0.84 -23.05 -7.03
CA TYR B 153 -0.49 -22.79 -5.64
C TYR B 153 -1.75 -22.85 -4.80
N ARG B 154 -1.87 -23.91 -4.02
CA ARG B 154 -3.01 -24.10 -3.16
C ARG B 154 -2.74 -23.53 -1.76
N MET B 155 -3.08 -22.26 -1.57
CA MET B 155 -2.89 -21.56 -0.30
C MET B 155 -3.90 -22.07 0.72
N LYS B 156 -3.46 -22.24 1.97
CA LYS B 156 -4.35 -22.77 2.99
C LYS B 156 -5.10 -21.71 3.77
N VAL B 157 -4.45 -20.57 4.00
CA VAL B 157 -5.07 -19.48 4.72
C VAL B 157 -4.83 -18.18 3.92
N PRO B 158 -5.84 -17.69 3.20
CA PRO B 158 -7.19 -18.27 3.09
C PRO B 158 -7.11 -19.44 2.13
N LYS B 159 -8.10 -20.33 2.17
CA LYS B 159 -8.09 -21.49 1.30
C LYS B 159 -8.38 -21.02 -0.12
N ILE B 160 -7.34 -20.60 -0.83
CA ILE B 160 -7.50 -20.07 -2.16
C ILE B 160 -6.48 -20.67 -3.10
N VAL B 161 -6.88 -20.91 -4.36
CA VAL B 161 -5.94 -21.46 -5.33
C VAL B 161 -5.43 -20.37 -6.29
N LEU B 162 -4.11 -20.27 -6.43
CA LEU B 162 -3.51 -19.30 -7.33
C LEU B 162 -2.78 -20.00 -8.48
N LEU B 163 -2.97 -19.48 -9.70
CA LEU B 163 -2.29 -20.02 -10.88
C LEU B 163 -1.27 -18.96 -11.19
N ILE B 164 0.00 -19.31 -11.07
CA ILE B 164 1.09 -18.37 -11.26
C ILE B 164 1.87 -18.68 -12.53
N PHE B 165 2.03 -17.69 -13.40
CA PHE B 165 2.71 -17.88 -14.67
C PHE B 165 4.05 -17.15 -14.71
N VAL B 166 4.94 -17.67 -15.56
CA VAL B 166 6.27 -17.12 -15.74
C VAL B 166 6.20 -15.62 -16.11
N SER B 167 5.14 -15.24 -16.82
CA SER B 167 4.93 -13.86 -17.25
C SER B 167 4.75 -12.89 -16.09
N GLY B 168 4.22 -13.39 -14.97
CA GLY B 168 3.96 -12.52 -13.84
C GLY B 168 2.47 -12.29 -13.68
N LYS B 169 1.68 -12.87 -14.58
CA LYS B 169 0.21 -12.76 -14.50
C LYS B 169 -0.24 -13.81 -13.51
N ILE B 170 -1.29 -13.51 -12.76
CA ILE B 170 -1.79 -14.41 -11.72
C ILE B 170 -3.30 -14.54 -11.77
N VAL B 171 -3.79 -15.76 -11.65
CA VAL B 171 -5.22 -16.00 -11.58
C VAL B 171 -5.47 -16.48 -10.13
N ILE B 172 -6.46 -15.90 -9.47
CA ILE B 172 -6.78 -16.25 -8.08
C ILE B 172 -8.22 -16.75 -8.10
N THR B 173 -8.43 -17.99 -7.68
CA THR B 173 -9.78 -18.54 -7.72
C THR B 173 -10.17 -19.31 -6.46
N GLY B 174 -11.48 -19.44 -6.26
CA GLY B 174 -11.99 -20.16 -5.11
C GLY B 174 -12.56 -19.31 -4.00
N ALA B 175 -12.50 -17.99 -4.12
CA ALA B 175 -13.01 -17.08 -3.08
C ALA B 175 -14.52 -16.92 -3.08
N LYS B 176 -15.11 -16.83 -1.89
CA LYS B 176 -16.55 -16.58 -1.75
C LYS B 176 -16.76 -15.13 -1.28
N MET B 177 -15.65 -14.47 -0.91
CA MET B 177 -15.64 -13.08 -0.46
C MET B 177 -14.47 -12.46 -1.22
N ARG B 178 -14.61 -11.23 -1.69
CA ARG B 178 -13.52 -10.60 -2.45
C ARG B 178 -12.29 -10.32 -1.60
N ASP B 179 -12.51 -10.11 -0.30
CA ASP B 179 -11.38 -9.88 0.57
C ASP B 179 -10.41 -11.06 0.60
N GLU B 180 -10.90 -12.28 0.36
CA GLU B 180 -10.06 -13.49 0.32
C GLU B 180 -9.18 -13.45 -0.92
N THR B 181 -9.75 -12.99 -2.01
CA THR B 181 -9.03 -12.86 -3.27
C THR B 181 -7.89 -11.89 -3.01
N TYR B 182 -8.19 -10.81 -2.29
CA TYR B 182 -7.23 -9.77 -1.95
C TYR B 182 -6.13 -10.23 -1.01
N LYS B 183 -6.52 -10.93 0.04
CA LYS B 183 -5.60 -11.45 1.03
C LYS B 183 -4.67 -12.50 0.40
N ALA B 184 -5.24 -13.38 -0.41
CA ALA B 184 -4.44 -14.41 -1.08
C ALA B 184 -3.33 -13.75 -1.89
N PHE B 185 -3.68 -12.73 -2.67
CA PHE B 185 -2.67 -12.03 -3.47
C PHE B 185 -1.61 -11.34 -2.60
N GLU B 186 -2.07 -10.62 -1.59
CA GLU B 186 -1.16 -9.91 -0.72
C GLU B 186 -0.26 -10.89 0.01
N ASN B 187 -0.79 -12.08 0.28
CA ASN B 187 0.00 -13.11 0.96
C ASN B 187 1.09 -13.57 0.01
N ILE B 188 0.71 -13.85 -1.23
CA ILE B 188 1.65 -14.38 -2.21
C ILE B 188 2.68 -13.38 -2.72
N TYR B 189 2.27 -12.12 -2.84
CA TYR B 189 3.14 -11.08 -3.38
C TYR B 189 4.57 -11.06 -2.83
N PRO B 190 4.75 -11.04 -1.49
CA PRO B 190 6.13 -11.03 -0.99
C PRO B 190 6.92 -12.31 -1.33
N VAL B 191 6.21 -13.42 -1.55
CA VAL B 191 6.86 -14.68 -1.92
C VAL B 191 7.36 -14.57 -3.35
N LEU B 192 6.48 -14.17 -4.26
CA LEU B 192 6.84 -14.03 -5.66
C LEU B 192 8.08 -13.18 -5.91
N SER B 193 8.27 -12.11 -5.13
CA SER B 193 9.44 -11.26 -5.31
C SER B 193 10.76 -11.98 -4.94
N GLU B 194 10.65 -13.02 -4.12
CA GLU B 194 11.82 -13.82 -3.75
C GLU B 194 12.24 -14.68 -4.95
N PHE B 195 11.35 -14.84 -5.93
CA PHE B 195 11.63 -15.66 -7.10
C PHE B 195 11.54 -14.96 -8.45
N ARG B 196 11.86 -13.67 -8.48
CA ARG B 196 11.84 -12.91 -9.71
C ARG B 196 12.87 -13.48 -10.67
N LYS B 197 12.50 -13.63 -11.93
CA LYS B 197 13.41 -14.15 -12.92
C LYS B 197 14.23 -12.98 -13.42
N ILE B 198 15.47 -12.88 -12.93
CA ILE B 198 16.36 -11.79 -13.32
C ILE B 198 17.01 -12.09 -14.67
#